data_9RQ8
#
_entry.id   9RQ8
#
_cell.length_a   68.182
_cell.length_b   89.592
_cell.length_c   44.937
_cell.angle_alpha   90.000
_cell.angle_beta   90.000
_cell.angle_gamma   90.000
#
_symmetry.space_group_name_H-M   'P 21 21 2'
#
loop_
_entity.id
_entity.type
_entity.pdbx_description
1 polymer 'FosA family fosfomycin resistance glutathione transferase'
2 non-polymer 1,2-ETHANEDIOL
3 non-polymer 'MANGANESE (II) ION'
4 non-polymer N-[(4-bromo-3-methylphenyl)methyl]-2-(methylsulfonyl)ethan-1-amine
5 non-polymer 'DIMETHYL SULFOXIDE'
6 water water
#
_entity_poly.entity_id   1
_entity_poly.type   'polypeptide(L)'
_entity_poly.pdbx_seq_one_letter_code
;MLSGLNHLTLAVSQLAPSVAFYQQLLGMTLHARWDSGAYLSCGDLWLCLSLDPQRRVTPPEESDYTHYAFSISEADFASF
AARLEAAGVAVWKLNRSEGASHYFLDPDGHKLELHVGSLAQRLAACREQPYKGMVFFEQHHHHHH
;
_entity_poly.pdbx_strand_id   A,B
#
loop_
_chem_comp.id
_chem_comp.type
_chem_comp.name
_chem_comp.formula
DMS non-polymer 'DIMETHYL SULFOXIDE' 'C2 H6 O S'
EDO non-polymer 1,2-ETHANEDIOL 'C2 H6 O2'
MN non-polymer 'MANGANESE (II) ION' 'Mn 2'
RB7 non-polymer N-[(4-bromo-3-methylphenyl)methyl]-2-(methylsulfonyl)ethan-1-amine 'C11 H16 Br N O2 S'
#
# COMPACT_ATOMS: atom_id res chain seq x y z
N MET A 1 0.40 13.82 -14.42
CA MET A 1 0.52 12.35 -14.27
C MET A 1 0.54 11.94 -12.81
N LEU A 2 0.61 10.64 -12.57
CA LEU A 2 0.75 10.16 -11.20
C LEU A 2 2.21 10.28 -10.78
N SER A 3 2.40 10.67 -9.52
N SER A 3 2.42 10.70 -9.53
CA SER A 3 3.73 11.01 -9.06
CA SER A 3 3.77 10.80 -8.98
C SER A 3 4.25 10.15 -7.92
C SER A 3 3.74 10.25 -7.57
N GLY A 4 3.45 9.25 -7.37
N GLY A 4 3.90 8.94 -7.44
CA GLY A 4 3.87 8.41 -6.27
CA GLY A 4 4.08 8.32 -6.16
C GLY A 4 2.69 7.97 -5.46
C GLY A 4 2.78 8.00 -5.45
N LEU A 5 2.97 7.31 -4.33
CA LEU A 5 1.89 6.96 -3.41
C LEU A 5 1.61 8.16 -2.51
N ASN A 6 0.37 8.62 -2.55
CA ASN A 6 -0.05 9.71 -1.67
C ASN A 6 -0.24 9.21 -0.24
N HIS A 7 -0.96 8.10 -0.08
CA HIS A 7 -1.13 7.48 1.22
C HIS A 7 -1.55 6.03 1.08
N LEU A 8 -1.28 5.27 2.14
CA LEU A 8 -1.73 3.91 2.32
C LEU A 8 -2.76 3.92 3.45
N THR A 9 -3.97 3.43 3.17
CA THR A 9 -5.00 3.28 4.18
C THR A 9 -5.27 1.81 4.44
N LEU A 10 -5.14 1.42 5.71
CA LEU A 10 -5.45 0.07 6.16
C LEU A 10 -6.72 0.11 7.00
N ALA A 11 -7.68 -0.72 6.61
CA ALA A 11 -8.86 -0.92 7.44
C ALA A 11 -8.49 -1.76 8.63
N VAL A 12 -8.94 -1.36 9.82
CA VAL A 12 -8.63 -2.08 11.04
C VAL A 12 -9.91 -2.39 11.79
N SER A 13 -9.89 -3.51 12.52
CA SER A 13 -11.08 -3.90 13.25
C SER A 13 -11.14 -3.32 14.65
N GLN A 14 -10.00 -3.02 15.26
CA GLN A 14 -9.94 -2.44 16.60
C GLN A 14 -8.84 -1.39 16.57
N LEU A 15 -9.22 -0.14 16.80
CA LEU A 15 -8.29 0.96 16.56
C LEU A 15 -7.12 0.90 17.52
N ALA A 16 -7.38 0.71 18.81
CA ALA A 16 -6.31 0.83 19.81
C ALA A 16 -5.18 -0.16 19.58
N PRO A 17 -5.42 -1.45 19.40
N PRO A 17 -5.43 -1.47 19.45
CA PRO A 17 -4.30 -2.36 19.16
CA PRO A 17 -4.31 -2.39 19.19
C PRO A 17 -3.58 -2.08 17.86
C PRO A 17 -3.61 -2.12 17.87
N SER A 18 -4.29 -1.59 16.84
N SER A 18 -4.30 -1.58 16.87
CA SER A 18 -3.61 -1.27 15.59
CA SER A 18 -3.64 -1.27 15.61
C SER A 18 -2.70 -0.05 15.74
C SER A 18 -2.70 -0.06 15.77
N VAL A 19 -3.18 0.99 16.43
CA VAL A 19 -2.32 2.14 16.67
C VAL A 19 -1.09 1.69 17.46
N ALA A 20 -1.29 0.87 18.49
CA ALA A 20 -0.17 0.40 19.28
C ALA A 20 0.83 -0.37 18.42
N PHE A 21 0.32 -1.21 17.53
CA PHE A 21 1.21 -2.00 16.66
C PHE A 21 2.08 -1.10 15.80
N TYR A 22 1.48 -0.13 15.12
CA TYR A 22 2.25 0.68 14.18
C TYR A 22 3.12 1.70 14.89
N GLN A 23 2.65 2.26 16.00
CA GLN A 23 3.40 3.28 16.72
C GLN A 23 4.39 2.65 17.70
N GLN A 24 3.89 1.86 18.64
CA GLN A 24 4.76 1.35 19.69
C GLN A 24 5.68 0.25 19.16
N LEU A 25 5.14 -0.70 18.41
CA LEU A 25 5.96 -1.85 18.04
C LEU A 25 6.81 -1.54 16.81
N LEU A 26 6.23 -0.94 15.79
CA LEU A 26 6.97 -0.65 14.57
C LEU A 26 7.68 0.71 14.60
N GLY A 27 7.37 1.58 15.55
CA GLY A 27 8.10 2.83 15.68
C GLY A 27 7.70 3.93 14.74
N MET A 28 6.54 3.82 14.11
CA MET A 28 6.08 4.89 13.24
C MET A 28 5.64 6.09 14.08
N THR A 29 5.58 7.25 13.42
CA THR A 29 5.26 8.50 14.09
C THR A 29 3.75 8.72 14.06
N LEU A 30 3.14 8.88 15.23
CA LEU A 30 1.71 9.11 15.34
C LEU A 30 1.44 10.61 15.36
N HIS A 31 0.66 11.09 14.38
CA HIS A 31 0.34 12.51 14.26
C HIS A 31 -1.03 12.88 14.81
N ALA A 32 -2.00 11.99 14.69
CA ALA A 32 -3.34 12.28 15.16
C ALA A 32 -4.08 10.96 15.32
N ARG A 33 -5.03 10.96 16.25
CA ARG A 33 -5.87 9.81 16.51
C ARG A 33 -7.26 10.35 16.85
N TRP A 34 -8.30 9.71 16.31
CA TRP A 34 -9.66 10.10 16.61
C TRP A 34 -10.48 8.83 16.85
N ASP A 35 -11.79 8.97 17.02
CA ASP A 35 -12.57 7.81 17.43
C ASP A 35 -12.57 6.71 16.38
N SER A 36 -12.34 7.07 15.11
N SER A 36 -12.36 7.06 15.11
CA SER A 36 -12.47 6.13 14.00
CA SER A 36 -12.44 6.05 14.04
C SER A 36 -11.20 6.00 13.16
C SER A 36 -11.22 6.05 13.14
N GLY A 37 -10.07 6.52 13.60
CA GLY A 37 -8.87 6.37 12.80
C GLY A 37 -7.65 6.98 13.42
N ALA A 38 -6.56 6.88 12.69
CA ALA A 38 -5.30 7.51 13.08
C ALA A 38 -4.49 7.82 11.83
N TYR A 39 -3.67 8.86 11.94
CA TYR A 39 -2.70 9.21 10.92
C TYR A 39 -1.29 9.05 11.49
N LEU A 40 -0.46 8.29 10.77
CA LEU A 40 0.93 8.08 11.10
C LEU A 40 1.79 8.38 9.89
N SER A 41 3.08 8.58 10.14
CA SER A 41 4.04 8.62 9.06
C SER A 41 5.19 7.67 9.36
N CYS A 42 5.80 7.23 8.27
CA CYS A 42 6.97 6.36 8.29
C CYS A 42 7.88 6.93 7.20
N GLY A 43 8.84 7.74 7.60
CA GLY A 43 9.55 8.55 6.61
C GLY A 43 8.57 9.39 5.83
N ASP A 44 8.61 9.27 4.50
N ASP A 44 8.60 9.27 4.51
CA ASP A 44 7.71 10.01 3.64
CA ASP A 44 7.71 10.01 3.63
C ASP A 44 6.32 9.37 3.52
C ASP A 44 6.35 9.34 3.46
N LEU A 45 6.14 8.14 4.01
CA LEU A 45 4.85 7.48 3.90
C LEU A 45 3.81 8.06 4.84
N TRP A 46 2.67 8.40 4.30
CA TRP A 46 1.46 8.74 5.06
C TRP A 46 0.64 7.46 5.17
N LEU A 47 0.53 6.96 6.40
CA LEU A 47 -0.29 5.80 6.72
C LEU A 47 -1.55 6.23 7.46
N CYS A 48 -2.70 5.74 7.00
N CYS A 48 -2.71 5.80 6.97
CA CYS A 48 -3.97 5.97 7.67
CA CYS A 48 -3.95 5.99 7.70
C CYS A 48 -4.49 4.64 8.17
C CYS A 48 -4.46 4.64 8.18
N LEU A 49 -4.84 4.57 9.45
CA LEU A 49 -5.55 3.44 9.99
C LEU A 49 -7.01 3.87 10.10
N SER A 50 -7.91 3.10 9.48
CA SER A 50 -9.32 3.47 9.41
C SER A 50 -10.15 2.37 10.07
N LEU A 51 -10.84 2.71 11.15
CA LEU A 51 -11.70 1.75 11.83
C LEU A 51 -12.84 1.35 10.90
N ASP A 52 -12.96 0.06 10.62
CA ASP A 52 -13.93 -0.40 9.65
C ASP A 52 -14.63 -1.63 10.22
N PRO A 53 -15.93 -1.55 10.49
CA PRO A 53 -16.65 -2.74 10.97
C PRO A 53 -16.60 -3.92 10.00
N GLN A 54 -16.27 -3.68 8.73
N GLN A 54 -16.25 -3.69 8.74
CA GLN A 54 -16.15 -4.76 7.76
CA GLN A 54 -16.15 -4.78 7.76
C GLN A 54 -14.79 -5.48 7.82
C GLN A 54 -14.77 -5.41 7.71
N ARG A 55 -13.78 -4.88 8.44
CA ARG A 55 -12.48 -5.55 8.48
C ARG A 55 -12.56 -6.82 9.32
N ARG A 56 -12.09 -7.92 8.75
CA ARG A 56 -12.00 -9.18 9.45
C ARG A 56 -10.55 -9.52 9.75
N VAL A 57 -10.33 -10.14 10.91
CA VAL A 57 -9.02 -10.68 11.25
C VAL A 57 -8.81 -11.89 10.36
N THR A 58 -7.84 -11.82 9.47
CA THR A 58 -7.76 -12.73 8.36
C THR A 58 -6.49 -13.58 8.42
N PRO A 59 -6.59 -14.89 8.57
N PRO A 59 -6.59 -14.90 8.52
CA PRO A 59 -5.38 -15.71 8.56
CA PRO A 59 -5.39 -15.71 8.53
C PRO A 59 -4.70 -15.62 7.21
C PRO A 59 -4.69 -15.61 7.18
N PRO A 60 -3.37 -15.78 7.16
CA PRO A 60 -2.63 -15.56 5.91
C PRO A 60 -2.96 -16.56 4.82
N GLU A 61 -3.45 -17.76 5.16
CA GLU A 61 -3.85 -18.73 4.15
C GLU A 61 -5.15 -18.32 3.45
N GLU A 62 -5.89 -17.36 4.01
CA GLU A 62 -7.17 -16.92 3.50
C GLU A 62 -7.07 -15.63 2.70
N SER A 63 -5.89 -15.03 2.62
CA SER A 63 -5.72 -13.83 1.83
C SER A 63 -4.69 -14.09 0.73
N ASP A 64 -4.79 -13.27 -0.32
CA ASP A 64 -3.84 -13.34 -1.41
C ASP A 64 -2.53 -12.68 -1.01
N TYR A 65 -1.61 -12.61 -1.98
CA TYR A 65 -0.24 -12.17 -1.76
C TYR A 65 -0.09 -10.64 -1.67
N THR A 66 -1.16 -9.87 -1.76
CA THR A 66 -1.06 -8.41 -1.62
C THR A 66 -0.38 -8.09 -0.30
N HIS A 67 0.64 -7.24 -0.33
CA HIS A 67 1.41 -6.96 0.89
C HIS A 67 2.10 -5.60 0.79
N TYR A 68 2.59 -5.14 1.94
CA TYR A 68 3.13 -3.80 2.12
C TYR A 68 4.48 -3.96 2.79
N ALA A 69 5.54 -3.54 2.10
CA ALA A 69 6.91 -3.66 2.59
C ALA A 69 7.43 -2.30 3.02
N PHE A 70 8.10 -2.29 4.17
CA PHE A 70 8.73 -1.09 4.72
C PHE A 70 10.23 -1.21 4.64
N SER A 71 10.88 -0.09 4.34
CA SER A 71 12.31 -0.05 4.19
C SER A 71 13.00 -0.02 5.54
N ILE A 72 14.11 -0.75 5.63
CA ILE A 72 14.97 -0.76 6.79
C ILE A 72 16.40 -0.98 6.30
N SER A 73 17.35 -0.45 7.05
CA SER A 73 18.74 -0.55 6.64
C SER A 73 19.28 -1.93 6.90
N GLU A 74 20.38 -2.24 6.21
CA GLU A 74 21.05 -3.50 6.43
C GLU A 74 21.53 -3.63 7.88
N ALA A 75 21.94 -2.52 8.49
CA ALA A 75 22.42 -2.56 9.87
C ALA A 75 21.31 -2.86 10.87
N ASP A 76 20.08 -2.44 10.60
CA ASP A 76 18.98 -2.55 11.55
C ASP A 76 18.09 -3.78 11.32
N PHE A 77 18.20 -4.40 10.15
CA PHE A 77 17.20 -5.39 9.71
C PHE A 77 17.08 -6.55 10.68
N ALA A 78 18.20 -7.22 11.00
CA ALA A 78 18.13 -8.47 11.74
C ALA A 78 17.60 -8.25 13.15
N SER A 79 18.06 -7.20 13.83
N SER A 79 18.09 -7.20 13.83
CA SER A 79 17.61 -7.02 15.20
CA SER A 79 17.65 -6.93 15.19
C SER A 79 16.14 -6.60 15.26
C SER A 79 16.15 -6.64 15.23
N PHE A 80 15.67 -5.86 14.26
CA PHE A 80 14.26 -5.50 14.22
C PHE A 80 13.40 -6.72 13.97
N ALA A 81 13.78 -7.56 13.00
CA ALA A 81 13.06 -8.82 12.78
C ALA A 81 13.08 -9.69 14.02
N ALA A 82 14.22 -9.79 14.70
CA ALA A 82 14.28 -10.66 15.87
C ALA A 82 13.42 -10.12 17.00
N ARG A 83 13.33 -8.81 17.13
CA ARG A 83 12.47 -8.23 18.15
C ARG A 83 11.00 -8.53 17.88
N LEU A 84 10.57 -8.42 16.61
CA LEU A 84 9.21 -8.81 16.28
C LEU A 84 8.97 -10.27 16.60
N GLU A 85 9.92 -11.15 16.26
CA GLU A 85 9.76 -12.57 16.55
C GLU A 85 9.63 -12.78 18.06
N ALA A 86 10.50 -12.14 18.83
CA ALA A 86 10.45 -12.35 20.28
C ALA A 86 9.16 -11.81 20.87
N ALA A 87 8.57 -10.79 20.24
CA ALA A 87 7.30 -10.25 20.69
C ALA A 87 6.08 -11.08 20.29
N GLY A 88 6.28 -12.19 19.57
CA GLY A 88 5.19 -13.06 19.20
C GLY A 88 4.43 -12.63 17.97
N VAL A 89 4.99 -11.74 17.16
CA VAL A 89 4.32 -11.29 15.94
C VAL A 89 4.24 -12.44 14.96
N ALA A 90 3.04 -12.72 14.46
CA ALA A 90 2.81 -13.84 13.56
C ALA A 90 3.46 -13.58 12.21
N VAL A 91 3.76 -14.67 11.52
N VAL A 91 3.81 -14.68 11.52
CA VAL A 91 4.45 -14.58 10.25
CA VAL A 91 4.57 -14.64 10.27
C VAL A 91 3.55 -15.14 9.15
C VAL A 91 3.83 -15.40 9.18
N TRP A 92 4.01 -14.95 7.93
CA TRP A 92 3.27 -15.50 6.83
C TRP A 92 4.16 -16.04 5.72
N LYS A 93 5.47 -15.78 5.73
CA LYS A 93 6.30 -16.31 4.65
C LYS A 93 7.74 -16.42 5.14
N LEU A 94 8.43 -17.47 4.71
CA LEU A 94 9.80 -17.73 5.13
C LEU A 94 10.81 -17.70 3.99
N ASN A 95 10.41 -18.10 2.79
CA ASN A 95 11.34 -18.20 1.66
C ASN A 95 11.66 -16.80 1.14
N ARG A 96 12.95 -16.45 1.10
CA ARG A 96 13.39 -15.15 0.62
C ARG A 96 13.49 -15.21 -0.91
N SER A 97 12.37 -14.91 -1.55
CA SER A 97 12.26 -14.95 -3.00
C SER A 97 12.50 -13.58 -3.64
N GLU A 98 12.64 -12.52 -2.85
CA GLU A 98 12.84 -11.18 -3.38
C GLU A 98 13.87 -10.44 -2.54
N GLY A 99 14.90 -11.15 -2.09
CA GLY A 99 15.98 -10.55 -1.33
C GLY A 99 15.80 -10.66 0.17
N ALA A 100 16.44 -9.72 0.87
CA ALA A 100 16.51 -9.74 2.33
C ALA A 100 15.21 -9.16 2.87
N SER A 101 14.32 -10.04 3.34
CA SER A 101 12.97 -9.67 3.74
C SER A 101 12.56 -10.49 4.95
N HIS A 102 11.73 -9.86 5.80
CA HIS A 102 11.07 -10.52 6.92
C HIS A 102 9.59 -10.29 6.77
N TYR A 103 8.81 -11.36 6.72
CA TYR A 103 7.38 -11.31 6.43
C TYR A 103 6.57 -11.53 7.70
N PHE A 104 5.73 -10.56 8.05
CA PHE A 104 5.00 -10.61 9.32
C PHE A 104 3.62 -10.02 9.14
N LEU A 105 2.74 -10.32 10.10
CA LEU A 105 1.33 -9.93 10.04
C LEU A 105 1.01 -8.85 11.07
N ASP A 106 0.12 -7.93 10.71
CA ASP A 106 -0.45 -6.99 11.68
C ASP A 106 -1.61 -7.66 12.40
N PRO A 107 -2.21 -6.96 13.37
CA PRO A 107 -3.26 -7.60 14.20
C PRO A 107 -4.44 -8.10 13.42
N ASP A 108 -4.75 -7.49 12.29
CA ASP A 108 -5.87 -7.93 11.45
C ASP A 108 -5.45 -8.87 10.33
N GLY A 109 -4.19 -9.26 10.30
CA GLY A 109 -3.68 -10.10 9.24
C GLY A 109 -3.25 -9.37 8.01
N HIS A 110 -3.14 -8.04 8.03
CA HIS A 110 -2.52 -7.37 6.89
C HIS A 110 -1.10 -7.92 6.73
N LYS A 111 -0.73 -8.23 5.49
CA LYS A 111 0.57 -8.81 5.20
C LYS A 111 1.61 -7.72 5.05
N LEU A 112 2.57 -7.71 5.96
CA LEU A 112 3.63 -6.73 6.01
C LEU A 112 4.99 -7.39 5.76
N GLU A 113 5.98 -6.56 5.55
CA GLU A 113 7.31 -7.02 5.23
C GLU A 113 8.31 -5.94 5.64
N LEU A 114 9.46 -6.37 6.17
CA LEU A 114 10.67 -5.55 6.26
C LEU A 114 11.54 -5.94 5.08
N HIS A 115 12.02 -4.96 4.32
CA HIS A 115 12.90 -5.26 3.19
C HIS A 115 14.08 -4.32 3.16
N VAL A 116 15.26 -4.88 2.87
CA VAL A 116 16.50 -4.14 2.66
C VAL A 116 16.73 -4.07 1.15
N GLY A 117 16.72 -2.87 0.60
CA GLY A 117 17.13 -2.65 -0.77
C GLY A 117 16.09 -1.94 -1.60
N SER A 118 16.56 -1.26 -2.63
CA SER A 118 15.73 -0.49 -3.54
C SER A 118 15.31 -1.34 -4.74
N LEU A 119 14.43 -0.76 -5.56
CA LEU A 119 14.07 -1.40 -6.83
C LEU A 119 15.28 -1.57 -7.73
N ALA A 120 16.14 -0.54 -7.80
CA ALA A 120 17.34 -0.67 -8.63
C ALA A 120 18.19 -1.84 -8.15
N GLN A 121 18.36 -1.98 -6.86
CA GLN A 121 19.15 -3.09 -6.34
C GLN A 121 18.48 -4.42 -6.63
N ARG A 122 17.15 -4.48 -6.58
N ARG A 122 17.15 -4.47 -6.53
CA ARG A 122 16.47 -5.73 -6.86
CA ARG A 122 16.42 -5.68 -6.86
C ARG A 122 16.59 -6.09 -8.34
C ARG A 122 16.67 -6.06 -8.32
N LEU A 123 16.52 -5.10 -9.23
CA LEU A 123 16.70 -5.38 -10.65
C LEU A 123 18.11 -5.91 -10.91
N ALA A 124 19.11 -5.31 -10.27
CA ALA A 124 20.49 -5.75 -10.45
C ALA A 124 20.68 -7.18 -9.95
N ALA A 125 20.08 -7.51 -8.80
CA ALA A 125 20.16 -8.87 -8.29
C ALA A 125 19.46 -9.84 -9.23
N CYS A 126 18.33 -9.40 -9.81
CA CYS A 126 17.56 -10.27 -10.69
C CYS A 126 18.27 -10.55 -12.00
N ARG A 127 19.09 -9.62 -12.46
CA ARG A 127 19.87 -9.91 -13.67
C ARG A 127 20.76 -11.13 -13.46
N GLU A 128 21.28 -11.32 -12.25
CA GLU A 128 22.14 -12.47 -11.97
C GLU A 128 21.33 -13.71 -11.65
N GLN A 129 20.20 -13.54 -10.98
CA GLN A 129 19.36 -14.65 -10.53
C GLN A 129 17.94 -14.24 -10.91
N PRO A 130 17.61 -14.32 -12.18
CA PRO A 130 16.32 -13.80 -12.64
C PRO A 130 15.18 -14.73 -12.29
N TYR A 131 13.99 -14.14 -12.16
N TYR A 131 13.99 -14.13 -12.17
CA TYR A 131 12.79 -14.94 -12.06
CA TYR A 131 12.77 -14.91 -12.14
C TYR A 131 12.49 -15.56 -13.44
C TYR A 131 12.62 -15.67 -13.45
N LYS A 132 11.77 -16.68 -13.43
CA LYS A 132 11.53 -17.42 -14.67
C LYS A 132 10.87 -16.54 -15.73
N GLY A 133 11.47 -16.49 -16.93
CA GLY A 133 10.91 -15.71 -18.01
C GLY A 133 11.16 -14.22 -17.94
N MET A 134 12.07 -13.78 -17.09
CA MET A 134 12.20 -12.35 -16.83
C MET A 134 12.77 -11.59 -18.02
N VAL A 135 12.17 -10.44 -18.30
N VAL A 135 12.18 -10.44 -18.30
CA VAL A 135 12.62 -9.48 -19.30
CA VAL A 135 12.66 -9.50 -19.30
C VAL A 135 12.77 -8.14 -18.61
C VAL A 135 12.77 -8.14 -18.63
N PHE A 136 13.81 -7.40 -19.00
CA PHE A 136 14.11 -6.09 -18.45
C PHE A 136 13.89 -5.05 -19.53
N PHE A 137 13.24 -3.96 -19.16
CA PHE A 137 12.95 -2.88 -20.10
C PHE A 137 13.84 -1.67 -19.80
N MET B 1 15.06 0.71 12.46
CA MET B 1 14.12 1.85 12.25
C MET B 1 13.58 1.81 10.83
N LEU B 2 12.26 1.93 10.71
CA LEU B 2 11.65 1.92 9.38
C LEU B 2 11.74 3.30 8.77
N SER B 3 12.10 3.36 7.48
CA SER B 3 12.39 4.63 6.85
C SER B 3 11.41 5.02 5.74
N GLY B 4 10.44 4.19 5.43
CA GLY B 4 9.48 4.52 4.40
C GLY B 4 8.81 3.26 3.89
N LEU B 5 7.95 3.46 2.89
CA LEU B 5 7.39 2.32 2.16
C LEU B 5 8.42 1.85 1.15
N ASN B 6 8.79 0.58 1.26
CA ASN B 6 9.75 0.01 0.32
C ASN B 6 9.06 -0.38 -0.98
N HIS B 7 7.98 -1.14 -0.92
CA HIS B 7 7.21 -1.47 -2.10
C HIS B 7 5.79 -1.83 -1.70
N LEU B 8 4.90 -1.69 -2.67
CA LEU B 8 3.51 -2.14 -2.61
C LEU B 8 3.37 -3.28 -3.60
N THR B 9 2.88 -4.42 -3.14
CA THR B 9 2.64 -5.58 -4.00
C THR B 9 1.15 -5.86 -4.05
N LEU B 10 0.61 -5.91 -5.26
CA LEU B 10 -0.78 -6.25 -5.51
C LEU B 10 -0.85 -7.64 -6.13
N ALA B 11 -1.63 -8.51 -5.53
CA ALA B 11 -1.93 -9.80 -6.16
C ALA B 11 -2.92 -9.57 -7.29
N VAL B 12 -2.64 -10.17 -8.45
CA VAL B 12 -3.47 -9.98 -9.63
C VAL B 12 -3.87 -11.34 -10.18
N SER B 13 -5.06 -11.40 -10.77
CA SER B 13 -5.56 -12.67 -11.31
C SER B 13 -5.09 -12.90 -12.74
N GLN B 14 -4.87 -11.84 -13.50
CA GLN B 14 -4.42 -11.95 -14.89
C GLN B 14 -3.36 -10.88 -15.12
N LEU B 15 -2.14 -11.30 -15.42
CA LEU B 15 -1.04 -10.34 -15.46
C LEU B 15 -1.18 -9.35 -16.61
N ALA B 16 -1.57 -9.80 -17.80
CA ALA B 16 -1.60 -8.88 -18.94
C ALA B 16 -2.55 -7.72 -18.74
N PRO B 17 -3.82 -7.92 -18.34
CA PRO B 17 -4.68 -6.75 -18.14
C PRO B 17 -4.22 -5.87 -17.00
N SER B 18 -3.59 -6.44 -15.97
CA SER B 18 -3.10 -5.61 -14.88
C SER B 18 -1.92 -4.76 -15.34
N VAL B 19 -1.00 -5.32 -16.13
CA VAL B 19 0.08 -4.51 -16.68
C VAL B 19 -0.49 -3.42 -17.57
N ALA B 20 -1.46 -3.75 -18.42
CA ALA B 20 -2.05 -2.72 -19.27
C ALA B 20 -2.67 -1.60 -18.43
N PHE B 21 -3.34 -1.96 -17.33
CA PHE B 21 -3.98 -0.97 -16.48
C PHE B 21 -2.95 -0.04 -15.85
N TYR B 22 -1.91 -0.59 -15.21
CA TYR B 22 -0.97 0.26 -14.49
C TYR B 22 0.00 0.99 -15.42
N GLN B 23 0.45 0.32 -16.50
CA GLN B 23 1.39 0.95 -17.43
C GLN B 23 0.66 1.85 -18.43
N GLN B 24 -0.26 1.29 -19.21
CA GLN B 24 -0.83 2.06 -20.31
C GLN B 24 -1.89 3.05 -19.82
N LEU B 25 -2.82 2.62 -18.97
CA LEU B 25 -3.86 3.54 -18.53
C LEU B 25 -3.33 4.52 -17.50
N LEU B 26 -2.67 4.03 -16.44
N LEU B 26 -2.67 4.03 -16.44
CA LEU B 26 -2.23 4.90 -15.37
CA LEU B 26 -2.22 4.90 -15.36
C LEU B 26 -0.91 5.59 -15.67
C LEU B 26 -0.84 5.50 -15.58
N GLY B 27 -0.12 5.09 -16.62
CA GLY B 27 1.12 5.75 -16.98
C GLY B 27 2.33 5.40 -16.16
N MET B 28 2.29 4.33 -15.39
CA MET B 28 3.46 3.93 -14.62
C MET B 28 4.52 3.32 -15.53
N THR B 29 5.77 3.36 -15.05
CA THR B 29 6.89 2.86 -15.83
C THR B 29 7.09 1.38 -15.56
N LEU B 30 7.11 0.57 -16.62
CA LEU B 30 7.36 -0.86 -16.51
C LEU B 30 8.86 -1.12 -16.59
N HIS B 31 9.43 -1.67 -15.53
CA HIS B 31 10.86 -1.97 -15.48
C HIS B 31 11.19 -3.41 -15.81
N ALA B 32 10.33 -4.35 -15.47
CA ALA B 32 10.64 -5.76 -15.70
C ALA B 32 9.33 -6.54 -15.61
N ARG B 33 9.29 -7.67 -16.30
CA ARG B 33 8.16 -8.56 -16.25
C ARG B 33 8.69 -9.98 -16.36
N TRP B 34 8.04 -10.91 -15.66
CA TRP B 34 8.41 -12.31 -15.72
C TRP B 34 7.12 -13.11 -15.80
N ASP B 35 7.24 -14.44 -15.86
CA ASP B 35 6.05 -15.24 -16.09
C ASP B 35 4.97 -15.01 -15.03
N SER B 36 5.34 -14.63 -13.81
CA SER B 36 4.38 -14.49 -12.74
C SER B 36 4.38 -13.12 -12.09
N GLY B 37 4.89 -12.09 -12.74
CA GLY B 37 4.78 -10.77 -12.14
C GLY B 37 5.41 -9.69 -12.97
N ALA B 38 5.39 -8.49 -12.40
CA ALA B 38 5.98 -7.31 -13.03
C ALA B 38 6.39 -6.32 -11.95
N TYR B 39 7.42 -5.53 -12.27
CA TYR B 39 7.84 -4.41 -11.46
C TYR B 39 7.63 -3.11 -12.22
N LEU B 40 6.93 -2.17 -11.58
CA LEU B 40 6.69 -0.85 -12.13
C LEU B 40 7.12 0.19 -11.11
N SER B 41 7.29 1.40 -11.59
CA SER B 41 7.51 2.53 -10.69
C SER B 41 6.56 3.67 -11.03
N CYS B 42 6.23 4.44 -10.00
CA CYS B 42 5.41 5.62 -10.10
C CYS B 42 6.07 6.63 -9.18
N GLY B 43 6.90 7.51 -9.72
CA GLY B 43 7.74 8.33 -8.85
C GLY B 43 8.60 7.43 -7.98
N ASP B 44 8.61 7.68 -6.69
N ASP B 44 8.59 7.70 -6.67
CA ASP B 44 9.37 6.85 -5.76
CA ASP B 44 9.33 6.88 -5.72
C ASP B 44 8.62 5.60 -5.30
C ASP B 44 8.69 5.53 -5.46
N LEU B 45 7.44 5.34 -5.84
CA LEU B 45 6.75 4.10 -5.54
C LEU B 45 7.28 2.95 -6.38
N TRP B 46 7.69 1.88 -5.72
CA TRP B 46 7.97 0.59 -6.34
C TRP B 46 6.71 -0.25 -6.19
N LEU B 47 6.08 -0.55 -7.32
CA LEU B 47 4.90 -1.39 -7.39
C LEU B 47 5.27 -2.75 -7.97
N CYS B 48 4.86 -3.81 -7.30
N CYS B 48 4.82 -3.81 -7.31
CA CYS B 48 4.98 -5.17 -7.83
CA CYS B 48 4.95 -5.17 -7.80
C CYS B 48 3.58 -5.71 -8.09
C CYS B 48 3.56 -5.70 -8.09
N LEU B 49 3.36 -6.23 -9.30
CA LEU B 49 2.17 -7.00 -9.61
C LEU B 49 2.57 -8.46 -9.56
N SER B 50 1.88 -9.25 -8.73
CA SER B 50 2.22 -10.64 -8.52
C SER B 50 1.03 -11.50 -8.94
N LEU B 51 1.23 -12.31 -9.98
CA LEU B 51 0.20 -13.22 -10.45
C LEU B 51 -0.12 -14.24 -9.36
N ASP B 52 -1.38 -14.29 -8.94
CA ASP B 52 -1.76 -15.11 -7.80
C ASP B 52 -3.08 -15.79 -8.09
N PRO B 53 -3.11 -17.11 -8.24
N PRO B 53 -3.09 -17.10 -8.27
CA PRO B 53 -4.40 -17.78 -8.46
CA PRO B 53 -4.36 -17.82 -8.44
C PRO B 53 -5.36 -17.65 -7.29
C PRO B 53 -5.35 -17.59 -7.30
N GLN B 54 -4.89 -17.19 -6.13
CA GLN B 54 -5.79 -16.93 -5.03
C GLN B 54 -6.50 -15.59 -5.14
N ARG B 55 -6.08 -14.69 -6.02
CA ARG B 55 -6.75 -13.41 -6.13
C ARG B 55 -8.13 -13.58 -6.74
N ARG B 56 -9.15 -13.12 -6.03
N ARG B 56 -9.15 -13.13 -6.01
CA ARG B 56 -10.52 -13.09 -6.53
CA ARG B 56 -10.52 -13.07 -6.51
C ARG B 56 -10.82 -11.68 -7.05
C ARG B 56 -10.80 -11.67 -7.06
N VAL B 57 -11.52 -11.61 -8.17
CA VAL B 57 -12.03 -10.34 -8.66
C VAL B 57 -13.15 -9.93 -7.72
N THR B 58 -12.90 -8.90 -6.90
CA THR B 58 -13.70 -8.70 -5.69
C THR B 58 -14.56 -7.46 -5.82
N PRO B 59 -15.89 -7.59 -5.77
CA PRO B 59 -16.75 -6.41 -5.79
C PRO B 59 -16.44 -5.51 -4.62
N PRO B 60 -16.60 -4.19 -4.79
CA PRO B 60 -16.19 -3.27 -3.71
C PRO B 60 -17.05 -3.40 -2.46
N GLU B 61 -18.29 -3.85 -2.59
CA GLU B 61 -19.12 -4.09 -1.42
C GLU B 61 -18.62 -5.24 -0.57
N GLU B 62 -17.73 -6.07 -1.11
CA GLU B 62 -17.26 -7.27 -0.43
C GLU B 62 -15.84 -7.14 0.10
N SER B 63 -15.21 -6.00 -0.08
CA SER B 63 -13.90 -5.75 0.49
C SER B 63 -14.01 -4.61 1.48
N ASP B 64 -13.06 -4.56 2.41
CA ASP B 64 -13.01 -3.48 3.39
C ASP B 64 -12.41 -2.23 2.77
N TYR B 65 -12.21 -1.21 3.59
CA TYR B 65 -11.82 0.12 3.14
C TYR B 65 -10.33 0.26 2.84
N THR B 66 -9.53 -0.80 3.01
CA THR B 66 -8.10 -0.70 2.67
C THR B 66 -7.96 -0.21 1.24
N HIS B 67 -7.12 0.79 1.03
CA HIS B 67 -6.99 1.37 -0.30
C HIS B 67 -5.64 2.06 -0.46
N TYR B 68 -5.31 2.35 -1.72
CA TYR B 68 -4.00 2.84 -2.12
C TYR B 68 -4.23 4.10 -2.94
N ALA B 69 -3.74 5.24 -2.45
CA ALA B 69 -3.95 6.53 -3.09
C ALA B 69 -2.67 6.98 -3.76
N PHE B 70 -2.79 7.44 -5.00
CA PHE B 70 -1.69 7.98 -5.76
C PHE B 70 -1.78 9.49 -5.84
N SER B 71 -0.62 10.15 -5.80
CA SER B 71 -0.56 11.60 -5.88
C SER B 71 -0.68 12.07 -7.31
N ILE B 72 -1.37 13.19 -7.48
CA ILE B 72 -1.50 13.89 -8.74
C ILE B 72 -1.67 15.36 -8.41
N SER B 73 -1.26 16.22 -9.34
CA SER B 73 -1.45 17.64 -9.11
C SER B 73 -2.91 18.01 -9.30
N GLU B 74 -3.31 19.11 -8.65
CA GLU B 74 -4.65 19.63 -8.88
C GLU B 74 -4.87 19.92 -10.36
N ALA B 75 -3.85 20.48 -11.02
CA ALA B 75 -4.03 20.86 -12.41
C ALA B 75 -4.29 19.64 -13.30
N ASP B 76 -3.73 18.48 -12.96
CA ASP B 76 -3.89 17.27 -13.79
C ASP B 76 -5.08 16.41 -13.39
N PHE B 77 -5.67 16.65 -12.23
CA PHE B 77 -6.66 15.74 -11.65
C PHE B 77 -7.83 15.48 -12.59
N ALA B 78 -8.49 16.54 -13.08
CA ALA B 78 -9.74 16.34 -13.79
C ALA B 78 -9.53 15.59 -15.10
N SER B 79 -8.45 15.87 -15.82
N SER B 79 -8.45 15.90 -15.81
CA SER B 79 -8.24 15.17 -17.08
CA SER B 79 -8.15 15.20 -17.07
C SER B 79 -7.86 13.70 -16.84
C SER B 79 -7.90 13.73 -16.81
N PHE B 80 -7.18 13.41 -15.73
CA PHE B 80 -6.87 12.02 -15.43
C PHE B 80 -8.13 11.26 -15.03
N ALA B 81 -8.98 11.87 -14.21
CA ALA B 81 -10.26 11.24 -13.89
C ALA B 81 -11.07 10.98 -15.15
N ALA B 82 -11.05 11.93 -16.08
CA ALA B 82 -11.80 11.76 -17.32
C ALA B 82 -11.24 10.62 -18.16
N ARG B 83 -9.91 10.45 -18.15
CA ARG B 83 -9.28 9.32 -18.82
C ARG B 83 -9.75 7.99 -18.24
N LEU B 84 -9.81 7.90 -16.91
CA LEU B 84 -10.30 6.69 -16.27
C LEU B 84 -11.76 6.45 -16.64
N GLU B 85 -12.58 7.50 -16.65
N GLU B 85 -12.57 7.50 -16.66
CA GLU B 85 -13.98 7.35 -17.02
CA GLU B 85 -13.98 7.37 -17.02
C GLU B 85 -14.11 6.87 -18.46
C GLU B 85 -14.14 6.91 -18.47
N ALA B 86 -13.32 7.45 -19.37
CA ALA B 86 -13.40 7.02 -20.77
C ALA B 86 -13.10 5.54 -20.90
N ALA B 87 -12.13 5.06 -20.13
CA ALA B 87 -11.75 3.66 -20.11
C ALA B 87 -12.74 2.77 -19.36
N GLY B 88 -13.83 3.32 -18.84
CA GLY B 88 -14.83 2.50 -18.19
C GLY B 88 -14.46 2.03 -16.81
N VAL B 89 -13.54 2.70 -16.15
CA VAL B 89 -13.07 2.28 -14.84
C VAL B 89 -14.12 2.65 -13.81
N ALA B 90 -14.50 1.70 -12.98
CA ALA B 90 -15.55 1.90 -12.01
C ALA B 90 -15.09 2.72 -10.80
N VAL B 91 -16.01 3.51 -10.26
CA VAL B 91 -15.80 4.31 -9.06
C VAL B 91 -16.46 3.60 -7.90
N TRP B 92 -15.79 3.59 -6.74
CA TRP B 92 -16.31 2.89 -5.57
C TRP B 92 -16.75 3.81 -4.43
N LYS B 93 -16.59 5.12 -4.56
CA LYS B 93 -16.90 6.08 -3.49
C LYS B 93 -16.87 7.47 -4.12
N LEU B 94 -17.71 8.37 -3.59
CA LEU B 94 -17.61 9.79 -3.91
C LEU B 94 -16.78 10.53 -2.87
N ASN B 95 -16.10 11.58 -3.30
CA ASN B 95 -15.29 12.37 -2.38
C ASN B 95 -16.18 13.23 -1.48
N ARG B 96 -15.92 13.16 -0.17
CA ARG B 96 -16.56 14.02 0.82
C ARG B 96 -15.56 14.61 1.82
N SER B 97 -14.27 14.56 1.52
N SER B 97 -14.28 14.61 1.51
CA SER B 97 -13.21 15.03 2.41
CA SER B 97 -13.26 15.11 2.42
C SER B 97 -12.41 16.15 1.72
C SER B 97 -12.33 16.06 1.69
N GLU B 98 -11.47 16.74 2.45
CA GLU B 98 -10.68 17.83 1.89
C GLU B 98 -9.65 17.30 0.89
N GLY B 99 -9.42 18.09 -0.14
CA GLY B 99 -8.53 17.70 -1.21
C GLY B 99 -9.26 16.86 -2.23
N ALA B 100 -9.01 17.12 -3.50
CA ALA B 100 -9.64 16.34 -4.55
C ALA B 100 -9.28 14.88 -4.40
N SER B 101 -10.28 14.02 -4.58
CA SER B 101 -10.09 12.59 -4.59
C SER B 101 -11.02 11.94 -5.60
N HIS B 102 -10.48 10.95 -6.32
CA HIS B 102 -11.23 10.12 -7.25
C HIS B 102 -10.99 8.67 -6.83
N TYR B 103 -12.06 7.94 -6.53
CA TYR B 103 -11.95 6.61 -5.97
C TYR B 103 -12.33 5.57 -7.03
N PHE B 104 -11.37 4.77 -7.45
CA PHE B 104 -11.56 3.90 -8.61
C PHE B 104 -11.00 2.52 -8.32
N LEU B 105 -11.45 1.55 -9.11
CA LEU B 105 -11.15 0.14 -8.91
C LEU B 105 -10.22 -0.37 -10.01
N ASP B 106 -9.25 -1.19 -9.63
CA ASP B 106 -8.41 -1.87 -10.60
C ASP B 106 -9.15 -3.11 -11.11
N PRO B 107 -8.56 -3.82 -12.09
CA PRO B 107 -9.27 -4.95 -12.72
C PRO B 107 -9.69 -6.05 -11.77
N ASP B 108 -8.97 -6.22 -10.67
CA ASP B 108 -9.28 -7.23 -9.66
C ASP B 108 -10.08 -6.67 -8.49
N GLY B 109 -10.46 -5.40 -8.53
CA GLY B 109 -11.17 -4.78 -7.44
C GLY B 109 -10.30 -4.17 -6.37
N HIS B 110 -8.99 -4.06 -6.57
CA HIS B 110 -8.20 -3.30 -5.62
C HIS B 110 -8.72 -1.88 -5.59
N LYS B 111 -8.91 -1.36 -4.38
CA LYS B 111 -9.42 -0.01 -4.19
C LYS B 111 -8.29 1.01 -4.30
N LEU B 112 -8.40 1.87 -5.30
CA LEU B 112 -7.43 2.91 -5.60
C LEU B 112 -8.05 4.28 -5.44
N GLU B 113 -7.18 5.29 -5.39
CA GLU B 113 -7.62 6.67 -5.25
C GLU B 113 -6.59 7.55 -5.94
N LEU B 114 -7.08 8.62 -6.58
CA LEU B 114 -6.24 9.76 -6.92
C LEU B 114 -6.49 10.80 -5.84
N HIS B 115 -5.43 11.35 -5.25
CA HIS B 115 -5.61 12.38 -4.24
C HIS B 115 -4.65 13.54 -4.45
N VAL B 116 -5.18 14.74 -4.26
CA VAL B 116 -4.40 15.97 -4.26
C VAL B 116 -4.32 16.44 -2.81
N GLY B 117 -3.11 16.46 -2.27
CA GLY B 117 -2.90 16.98 -0.93
C GLY B 117 -2.04 16.08 -0.07
N SER B 118 -1.24 16.68 0.78
CA SER B 118 -0.31 16.00 1.66
C SER B 118 -0.93 15.74 3.03
N LEU B 119 -0.20 14.94 3.82
CA LEU B 119 -0.54 14.77 5.24
C LEU B 119 -0.56 16.11 5.95
N ALA B 120 0.43 16.96 5.69
CA ALA B 120 0.46 18.26 6.36
C ALA B 120 -0.79 19.06 6.06
N GLN B 121 -1.27 19.00 4.80
CA GLN B 121 -2.49 19.72 4.45
C GLN B 121 -3.69 19.15 5.19
N ARG B 122 -3.77 17.81 5.26
CA ARG B 122 -4.87 17.19 5.98
C ARG B 122 -4.85 17.53 7.46
N LEU B 123 -3.66 17.49 8.07
CA LEU B 123 -3.57 17.82 9.49
C LEU B 123 -3.97 19.28 9.73
N ALA B 124 -3.57 20.19 8.84
CA ALA B 124 -3.96 21.60 9.00
C ALA B 124 -5.47 21.75 8.98
N ALA B 125 -6.13 21.08 8.04
CA ALA B 125 -7.59 21.15 7.97
C ALA B 125 -8.22 20.52 9.20
N CYS B 126 -7.66 19.42 9.70
CA CYS B 126 -8.20 18.75 10.88
C CYS B 126 -8.02 19.61 12.12
N ARG B 127 -6.90 20.33 12.22
N ARG B 127 -6.91 20.33 12.24
CA ARG B 127 -6.72 21.19 13.39
CA ARG B 127 -6.72 21.19 13.40
C ARG B 127 -7.79 22.27 13.47
C ARG B 127 -7.82 22.25 13.46
N GLU B 128 -8.22 22.78 12.31
CA GLU B 128 -9.29 23.77 12.28
C GLU B 128 -10.66 23.15 12.54
N GLN B 129 -10.87 21.91 12.12
CA GLN B 129 -12.17 21.25 12.20
C GLN B 129 -11.91 19.80 12.58
N PRO B 130 -11.64 19.54 13.85
CA PRO B 130 -11.22 18.18 14.23
C PRO B 130 -12.35 17.16 14.11
N TYR B 131 -11.98 15.95 13.70
CA TYR B 131 -12.90 14.84 13.72
C TYR B 131 -13.31 14.52 15.16
N LYS B 132 -14.42 13.80 15.29
N LYS B 132 -14.39 13.77 15.28
CA LYS B 132 -14.91 13.42 16.61
CA LYS B 132 -14.90 13.40 16.60
C LYS B 132 -13.85 12.62 17.37
C LYS B 132 -13.86 12.61 17.37
N GLY B 133 -13.50 13.11 18.55
CA GLY B 133 -12.50 12.47 19.39
C GLY B 133 -11.06 12.73 19.01
N MET B 134 -10.80 13.69 18.14
CA MET B 134 -9.46 13.86 17.61
C MET B 134 -8.52 14.51 18.62
N VAL B 135 -7.35 13.89 18.74
CA VAL B 135 -6.22 14.34 19.55
C VAL B 135 -5.00 14.41 18.64
N PHE B 136 -4.18 15.44 18.81
CA PHE B 136 -2.95 15.64 18.05
C PHE B 136 -1.74 15.40 18.94
N PHE B 137 -0.61 15.09 18.30
CA PHE B 137 0.64 14.84 19.03
C PHE B 137 1.77 15.66 18.43
C1 EDO C . -14.90 2.60 7.40
O1 EDO C . -13.48 2.60 7.45
C2 EDO C . -15.39 3.21 6.12
O2 EDO C . -14.79 4.48 5.93
H11 EDO C . -15.28 3.09 8.15
H12 EDO C . -15.25 1.69 7.46
HO1 EDO C . -13.25 2.19 8.16
H21 EDO C . -16.36 3.27 6.17
H22 EDO C . -15.19 2.59 5.39
HO2 EDO C . -15.10 4.82 5.22
MN MN D . 7.54 -7.92 -0.95
C4 RB7 E . -8.03 8.01 22.59
C5 RB7 E . -6.92 8.79 22.33
C6 RB7 E . -5.70 8.42 22.88
C7 RB7 E . -9.15 6.03 23.68
C8 RB7 E . -10.93 5.52 25.38
C9 RB7 E . -11.60 6.07 26.62
C10 RB7 E . -13.32 5.58 28.76
O1 RB7 E . -14.11 5.43 26.28
S RB7 E . -12.99 5.08 27.11
O RB7 E . -12.57 3.69 27.12
N RB7 E . -9.80 6.40 24.98
C3 RB7 E . -7.95 6.88 23.40
C2 RB7 E . -6.70 6.55 23.95
BR RB7 E . -4.19 9.50 22.48
C1 RB7 E . -5.55 7.31 23.71
C RB7 E . -4.23 6.88 24.28
H1 RB7 E . -8.88 8.27 22.18
H2 RB7 E . -6.99 9.57 21.76
H3 RB7 E . -8.90 5.08 23.73
H4 RB7 E . -9.82 6.14 22.98
H5 RB7 E . -10.55 4.62 25.54
H6 RB7 E . -11.54 5.47 24.61
H7 RB7 E . -10.98 6.08 27.37
H8 RB7 E . -11.93 6.97 26.45
H9 RB7 E . -12.79 6.37 28.96
H10 RB7 E . -14.28 5.78 28.85
H11 RB7 E . -13.08 4.85 29.37
H12 RB7 E . -10.05 7.24 24.91
H14 RB7 E . -6.63 5.77 24.53
H15 RB7 E . -3.59 6.73 23.56
H16 RB7 E . -3.88 7.57 24.87
H17 RB7 E . -4.33 6.05 24.78
H12B RB7 E . -9.16 6.39 25.59
S DMS F . 12.08 4.43 -7.07
O DMS F . 13.35 3.92 -6.45
C1 DMS F . 10.89 3.09 -6.86
C2 DMS F . 12.24 4.22 -8.86
H11 DMS F . 10.16 3.19 -7.48
H12 DMS F . 10.54 3.09 -5.95
H13 DMS F . 11.33 2.24 -7.03
H21 DMS F . 12.99 4.73 -9.19
H22 DMS F . 11.43 4.54 -9.30
H23 DMS F . 12.37 3.28 -9.07
MN MN G . -7.80 7.79 0.98
#